data_5LPW
#
_entry.id   5LPW
#
_cell.length_a   116.137
_cell.length_b   116.137
_cell.length_c   50.295
_cell.angle_alpha   90.00
_cell.angle_beta   90.00
_cell.angle_gamma   120.00
#
_symmetry.space_group_name_H-M   'P 62'
#
loop_
_entity.id
_entity.type
_entity.pdbx_description
1 polymer 'Protein BRASSINOSTEROID INSENSITIVE 1'
2 water water
#
_entity_poly.entity_id   1
_entity_poly.type   'polypeptide(L)'
_entity_poly.pdbx_seq_one_letter_code
;EKPLRKLAFADLLQATNGFHNDSLIGSGGFGDVYKAILKDGSAVAIKKLIHVSGQGDREFMAEMETIGKIKHRNLVPLLG
YCKVGDERLLVYEFMKYGSLEDVLHDPKKAGVKLNWSTRRKIAIGSARGLAFLHHNCSPHIIHRDMKSSNVLLDENLEAR
VSDFGMARLMSAMD(TPO)HL(SEP)V(SEP)TLAGTPGYVPPEYYQ(SEP)FRCSTKGDVYSYGVVLLELLTGKRPTDS
PDFGDNNLVGWVKQHAKLRISDVFDPELMKEDPALEIELLQHLKVAVACLDDRAWRRPTMVQVMAMFKEIQA
;
_entity_poly.pdbx_strand_id   A
#
# COMPACT_ATOMS: atom_id res chain seq x y z
N LYS A 2 15.12 12.83 -12.45
CA LYS A 2 15.41 11.60 -11.71
C LYS A 2 15.01 10.36 -12.50
N PRO A 3 15.84 9.98 -13.48
CA PRO A 3 15.55 8.83 -14.35
C PRO A 3 15.79 7.50 -13.64
N LEU A 4 15.19 6.44 -14.16
CA LEU A 4 15.34 5.10 -13.60
C LEU A 4 16.73 4.57 -13.92
N ARG A 5 17.56 4.43 -12.90
CA ARG A 5 18.96 4.00 -13.08
C ARG A 5 19.09 2.50 -13.30
N LYS A 6 19.99 2.12 -14.19
CA LYS A 6 20.33 0.71 -14.37
C LYS A 6 21.57 0.38 -13.55
N LEU A 7 21.37 -0.27 -12.41
CA LEU A 7 22.48 -0.54 -11.49
C LEU A 7 23.16 -1.86 -11.78
N ALA A 8 24.49 -1.83 -11.79
CA ALA A 8 25.28 -3.04 -11.98
C ALA A 8 25.03 -4.01 -10.83
N PHE A 9 24.96 -5.30 -11.16
CA PHE A 9 24.69 -6.31 -10.15
C PHE A 9 25.78 -6.33 -9.07
N ALA A 10 27.00 -6.00 -9.46
CA ALA A 10 28.14 -5.98 -8.55
C ALA A 10 27.97 -4.94 -7.45
N ASP A 11 27.50 -3.76 -7.82
CA ASP A 11 27.20 -2.69 -6.86
C ASP A 11 26.24 -3.17 -5.78
N LEU A 12 25.12 -3.75 -6.19
CA LEU A 12 24.11 -4.23 -5.26
C LEU A 12 24.70 -5.32 -4.37
N LEU A 13 25.57 -6.13 -4.95
CA LEU A 13 26.25 -7.22 -4.26
C LEU A 13 27.14 -6.72 -3.11
N GLN A 14 27.96 -5.71 -3.38
CA GLN A 14 28.86 -5.20 -2.36
C GLN A 14 28.13 -4.28 -1.37
N ALA A 15 27.11 -3.56 -1.85
CA ALA A 15 26.33 -2.68 -0.98
C ALA A 15 25.63 -3.46 0.12
N THR A 16 25.28 -4.72 -0.17
CA THR A 16 24.62 -5.57 0.80
C THR A 16 25.59 -6.55 1.44
N ASN A 17 26.88 -6.32 1.22
CA ASN A 17 27.94 -7.22 1.66
C ASN A 17 27.67 -8.67 1.26
N GLY A 18 27.58 -8.90 -0.05
CA GLY A 18 27.33 -10.23 -0.57
C GLY A 18 25.97 -10.75 -0.15
N PHE A 19 24.99 -9.85 -0.09
CA PHE A 19 23.64 -10.16 0.36
C PHE A 19 23.65 -10.84 1.72
N HIS A 20 24.43 -10.27 2.63
CA HIS A 20 24.57 -10.81 3.98
C HIS A 20 23.27 -10.66 4.76
N ASN A 21 23.10 -11.52 5.77
CA ASN A 21 21.88 -11.56 6.56
C ASN A 21 21.65 -10.29 7.37
N ASP A 22 22.75 -9.62 7.74
CA ASP A 22 22.68 -8.41 8.54
C ASP A 22 22.02 -7.26 7.78
N SER A 23 22.00 -7.36 6.46
CA SER A 23 21.40 -6.33 5.62
C SER A 23 19.94 -6.64 5.33
N LEU A 24 19.57 -7.91 5.53
CA LEU A 24 18.22 -8.39 5.24
C LEU A 24 17.18 -7.81 6.19
N ILE A 25 16.12 -7.23 5.64
CA ILE A 25 15.06 -6.65 6.46
C ILE A 25 13.67 -7.16 6.06
N GLY A 26 13.62 -8.35 5.49
CA GLY A 26 12.38 -8.94 5.03
C GLY A 26 12.65 -9.93 3.92
N SER A 27 12.13 -11.14 4.03
CA SER A 27 12.41 -12.18 3.05
C SER A 27 11.22 -13.11 2.82
N GLY A 28 11.29 -13.91 1.76
CA GLY A 28 10.27 -14.88 1.44
C GLY A 28 8.97 -14.25 1.00
N GLY A 29 7.96 -15.09 0.80
CA GLY A 29 6.63 -14.62 0.41
C GLY A 29 6.60 -13.97 -0.96
N PHE A 30 7.13 -12.75 -1.04
CA PHE A 30 7.16 -12.00 -2.30
C PHE A 30 8.58 -11.68 -2.75
N GLY A 31 9.35 -11.05 -1.87
CA GLY A 31 10.70 -10.65 -2.20
C GLY A 31 11.63 -10.55 -1.00
N ASP A 32 12.93 -10.68 -1.24
CA ASP A 32 13.94 -10.47 -0.21
C ASP A 32 14.41 -9.02 -0.22
N VAL A 33 14.31 -8.34 0.92
CA VAL A 33 14.59 -6.92 0.97
C VAL A 33 15.80 -6.61 1.84
N TYR A 34 16.71 -5.82 1.29
CA TYR A 34 17.92 -5.44 2.01
C TYR A 34 18.03 -3.93 2.20
N LYS A 35 18.42 -3.54 3.40
CA LYS A 35 18.78 -2.16 3.68
C LYS A 35 20.24 -1.94 3.29
N ALA A 36 20.50 -0.95 2.44
CA ALA A 36 21.87 -0.73 1.95
C ALA A 36 22.20 0.72 1.67
N ILE A 37 23.50 0.97 1.49
CA ILE A 37 23.98 2.28 1.09
C ILE A 37 24.79 2.12 -0.18
N LEU A 38 24.32 2.73 -1.27
CA LEU A 38 25.01 2.65 -2.56
C LEU A 38 26.36 3.36 -2.48
N LYS A 39 27.23 3.07 -3.45
CA LYS A 39 28.59 3.59 -3.41
C LYS A 39 28.66 5.12 -3.56
N ASP A 40 27.53 5.74 -3.86
CA ASP A 40 27.44 7.19 -3.91
C ASP A 40 26.82 7.77 -2.64
N GLY A 41 26.50 6.89 -1.70
CA GLY A 41 25.97 7.31 -0.41
C GLY A 41 24.46 7.29 -0.31
N SER A 42 23.78 6.88 -1.37
CA SER A 42 22.33 6.80 -1.36
C SER A 42 21.84 5.74 -0.39
N ALA A 43 20.93 6.12 0.49
CA ALA A 43 20.25 5.18 1.37
C ALA A 43 19.09 4.55 0.63
N VAL A 44 19.18 3.25 0.39
CA VAL A 44 18.18 2.56 -0.43
C VAL A 44 17.68 1.27 0.19
N ALA A 45 16.59 0.75 -0.38
CA ALA A 45 16.10 -0.58 -0.09
C ALA A 45 16.22 -1.41 -1.36
N ILE A 46 16.80 -2.60 -1.23
CA ILE A 46 17.04 -3.44 -2.41
C ILE A 46 16.25 -4.73 -2.31
N LYS A 47 15.29 -4.90 -3.22
CA LYS A 47 14.48 -6.10 -3.25
C LYS A 47 15.08 -7.12 -4.23
N LYS A 48 15.44 -8.29 -3.71
CA LYS A 48 15.93 -9.38 -4.54
C LYS A 48 14.76 -10.30 -4.86
N LEU A 49 14.37 -10.34 -6.14
CA LEU A 49 13.14 -11.04 -6.52
C LEU A 49 13.27 -12.55 -6.50
N ILE A 50 12.15 -13.20 -6.16
CA ILE A 50 12.12 -14.64 -5.98
C ILE A 50 11.39 -15.33 -7.14
N HIS A 51 11.87 -16.52 -7.51
CA HIS A 51 11.27 -17.35 -8.55
C HIS A 51 11.22 -16.66 -9.92
N VAL A 52 12.40 -16.37 -10.47
CA VAL A 52 12.50 -15.74 -11.79
C VAL A 52 11.97 -16.68 -12.87
N SER A 53 11.65 -16.12 -14.03
CA SER A 53 11.09 -16.87 -15.16
C SER A 53 9.79 -17.56 -14.76
N GLY A 54 8.90 -16.80 -14.14
CA GLY A 54 7.61 -17.29 -13.69
C GLY A 54 6.85 -16.18 -13.00
N GLN A 55 6.61 -16.35 -11.70
CA GLN A 55 5.95 -15.32 -10.92
C GLN A 55 6.89 -14.14 -10.70
N GLY A 56 8.19 -14.43 -10.62
CA GLY A 56 9.19 -13.41 -10.34
C GLY A 56 9.40 -12.40 -11.47
N ASP A 57 9.49 -12.89 -12.71
CA ASP A 57 9.75 -12.02 -13.84
C ASP A 57 8.55 -11.13 -14.16
N ARG A 58 7.34 -11.69 -14.03
CA ARG A 58 6.12 -10.93 -14.22
C ARG A 58 6.01 -9.82 -13.18
N GLU A 59 6.35 -10.15 -11.94
CA GLU A 59 6.38 -9.16 -10.87
C GLU A 59 7.36 -8.03 -11.19
N PHE A 60 8.52 -8.40 -11.72
CA PHE A 60 9.55 -7.44 -12.11
C PHE A 60 9.03 -6.43 -13.12
N MET A 61 8.45 -6.94 -14.20
CA MET A 61 7.89 -6.09 -15.24
C MET A 61 6.68 -5.29 -14.75
N ALA A 62 5.94 -5.86 -13.82
CA ALA A 62 4.78 -5.18 -13.26
C ALA A 62 5.21 -3.88 -12.60
N GLU A 63 6.27 -3.94 -11.82
CA GLU A 63 6.77 -2.75 -11.14
C GLU A 63 7.44 -1.81 -12.15
N MET A 64 8.21 -2.38 -13.06
CA MET A 64 8.90 -1.57 -14.06
C MET A 64 7.92 -0.76 -14.90
N GLU A 65 6.79 -1.36 -15.25
CA GLU A 65 5.81 -0.72 -16.12
C GLU A 65 4.81 0.18 -15.39
N THR A 66 4.86 0.18 -14.07
CA THR A 66 3.94 1.00 -13.28
C THR A 66 4.70 2.02 -12.45
N ILE A 67 5.09 1.62 -11.24
CA ILE A 67 5.82 2.52 -10.35
C ILE A 67 7.12 3.00 -10.98
N GLY A 68 7.70 2.19 -11.86
CA GLY A 68 8.96 2.52 -12.50
C GLY A 68 8.85 3.61 -13.54
N LYS A 69 7.62 3.92 -13.96
CA LYS A 69 7.42 4.92 -14.99
C LYS A 69 6.64 6.14 -14.50
N ILE A 70 6.42 6.22 -13.19
CA ILE A 70 5.74 7.38 -12.61
C ILE A 70 6.40 7.81 -11.30
N LYS A 71 6.17 9.06 -10.92
CA LYS A 71 6.67 9.60 -9.66
C LYS A 71 5.56 10.39 -8.96
N HIS A 72 5.45 10.21 -7.64
CA HIS A 72 4.43 10.91 -6.85
C HIS A 72 4.81 10.93 -5.37
N ARG A 73 4.45 12.03 -4.71
CA ARG A 73 4.78 12.25 -3.30
C ARG A 73 4.37 11.10 -2.37
N ASN A 74 3.25 10.43 -2.69
CA ASN A 74 2.75 9.35 -1.86
C ASN A 74 2.95 7.96 -2.47
N LEU A 75 3.87 7.87 -3.42
CA LEU A 75 4.28 6.58 -3.95
C LEU A 75 5.76 6.37 -3.66
N VAL A 76 6.10 5.20 -3.11
CA VAL A 76 7.50 4.86 -2.91
C VAL A 76 8.21 4.90 -4.24
N PRO A 77 9.27 5.71 -4.34
CA PRO A 77 10.00 5.83 -5.61
C PRO A 77 10.86 4.61 -5.92
N LEU A 78 10.76 4.12 -7.15
CA LEU A 78 11.67 3.09 -7.64
C LEU A 78 12.89 3.79 -8.23
N LEU A 79 14.01 3.71 -7.52
CA LEU A 79 15.22 4.42 -7.93
C LEU A 79 15.97 3.70 -9.05
N GLY A 80 15.97 2.38 -9.02
CA GLY A 80 16.68 1.63 -10.04
C GLY A 80 16.29 0.17 -10.16
N TYR A 81 17.04 -0.55 -10.99
CA TYR A 81 16.75 -1.94 -11.26
C TYR A 81 18.00 -2.70 -11.69
N CYS A 82 17.95 -4.02 -11.57
CA CYS A 82 19.02 -4.87 -12.04
C CYS A 82 18.44 -6.09 -12.74
N LYS A 83 18.54 -6.10 -14.07
CA LYS A 83 18.09 -7.22 -14.86
C LYS A 83 19.29 -7.94 -15.48
N VAL A 84 19.89 -8.83 -14.71
CA VAL A 84 21.06 -9.58 -15.17
C VAL A 84 20.87 -11.07 -14.97
N GLY A 85 20.89 -11.82 -16.07
CA GLY A 85 20.73 -13.26 -16.05
C GLY A 85 19.44 -13.73 -15.42
N ASP A 86 19.56 -14.57 -14.39
CA ASP A 86 18.40 -15.06 -13.66
C ASP A 86 18.16 -14.23 -12.40
N GLU A 87 18.89 -13.11 -12.28
CA GLU A 87 18.77 -12.25 -11.11
C GLU A 87 17.93 -11.01 -11.40
N ARG A 88 16.89 -10.80 -10.58
CA ARG A 88 16.03 -9.62 -10.70
C ARG A 88 16.03 -8.82 -9.39
N LEU A 89 16.54 -7.60 -9.44
CA LEU A 89 16.55 -6.75 -8.26
C LEU A 89 15.94 -5.38 -8.52
N LEU A 90 15.29 -4.83 -7.50
CA LEU A 90 14.64 -3.53 -7.59
C LEU A 90 15.12 -2.64 -6.45
N VAL A 91 15.38 -1.38 -6.74
CA VAL A 91 15.98 -0.51 -5.74
C VAL A 91 15.13 0.74 -5.45
N TYR A 92 14.79 0.92 -4.20
CA TYR A 92 13.86 1.95 -3.77
C TYR A 92 14.53 2.87 -2.78
N GLU A 93 13.99 4.07 -2.60
CA GLU A 93 14.46 4.96 -1.55
C GLU A 93 14.09 4.34 -0.21
N PHE A 94 15.01 4.41 0.74
CA PHE A 94 14.78 3.81 2.05
C PHE A 94 13.68 4.56 2.82
N MET A 95 12.75 3.81 3.39
CA MET A 95 11.72 4.39 4.22
C MET A 95 12.06 4.19 5.69
N LYS A 96 12.38 5.30 6.37
CA LYS A 96 12.92 5.28 7.73
C LYS A 96 12.09 4.47 8.73
N TYR A 97 10.79 4.75 8.81
CA TYR A 97 9.97 4.14 9.86
C TYR A 97 9.20 2.91 9.40
N GLY A 98 9.67 2.30 8.31
CA GLY A 98 9.13 1.04 7.84
C GLY A 98 7.68 1.08 7.42
N SER A 99 6.99 -0.05 7.59
CA SER A 99 5.60 -0.17 7.16
C SER A 99 4.63 0.28 8.25
N LEU A 100 3.44 0.66 7.83
CA LEU A 100 2.37 1.03 8.76
C LEU A 100 2.03 -0.17 9.64
N GLU A 101 2.06 -1.35 9.06
CA GLU A 101 1.72 -2.59 9.76
C GLU A 101 2.66 -2.84 10.94
N ASP A 102 3.95 -2.64 10.71
CA ASP A 102 4.96 -2.82 11.76
C ASP A 102 4.73 -1.84 12.90
N VAL A 103 4.20 -0.67 12.57
CA VAL A 103 4.00 0.38 13.55
C VAL A 103 2.71 0.18 14.33
N LEU A 104 1.62 -0.10 13.63
CA LEU A 104 0.34 -0.36 14.29
C LEU A 104 0.40 -1.63 15.13
N HIS A 105 1.27 -2.55 14.74
CA HIS A 105 1.51 -3.76 15.51
C HIS A 105 2.92 -3.71 16.08
N ASP A 106 3.06 -2.93 17.16
CA ASP A 106 4.35 -2.51 17.71
C ASP A 106 5.34 -3.64 17.94
N PRO A 107 6.63 -3.36 17.70
CA PRO A 107 7.71 -4.31 18.00
C PRO A 107 7.99 -4.39 19.49
N GLY A 111 8.09 1.08 19.35
CA GLY A 111 8.27 1.72 18.07
C GLY A 111 7.95 3.20 18.11
N VAL A 112 7.09 3.64 17.19
CA VAL A 112 6.68 5.04 17.10
C VAL A 112 5.16 5.19 17.28
N LYS A 113 4.76 5.82 18.38
CA LYS A 113 3.33 6.01 18.67
C LYS A 113 2.69 6.97 17.67
N LEU A 114 1.63 6.51 17.00
CA LEU A 114 0.94 7.33 16.01
C LEU A 114 -0.31 8.00 16.57
N ASN A 115 -0.23 9.31 16.79
CA ASN A 115 -1.41 10.08 17.19
C ASN A 115 -2.37 10.22 16.02
N TRP A 116 -3.57 10.71 16.29
CA TRP A 116 -4.60 10.76 15.26
C TRP A 116 -4.26 11.71 14.11
N SER A 117 -3.71 12.88 14.45
CA SER A 117 -3.39 13.89 13.44
C SER A 117 -2.42 13.36 12.40
N THR A 118 -1.55 12.45 12.80
CA THR A 118 -0.62 11.82 11.87
C THR A 118 -1.29 10.66 11.13
N ARG A 119 -2.14 9.92 11.83
CA ARG A 119 -2.88 8.82 11.21
C ARG A 119 -3.76 9.33 10.07
N ARG A 120 -4.37 10.50 10.27
CA ARG A 120 -5.25 11.06 9.26
C ARG A 120 -4.44 11.56 8.07
N LYS A 121 -3.19 11.96 8.31
CA LYS A 121 -2.31 12.37 7.23
C LYS A 121 -1.89 11.13 6.42
N ILE A 122 -1.62 10.04 7.14
CA ILE A 122 -1.31 8.77 6.51
C ILE A 122 -2.47 8.34 5.63
N ALA A 123 -3.68 8.47 6.15
CA ALA A 123 -4.89 8.12 5.43
C ALA A 123 -5.08 8.99 4.18
N ILE A 124 -4.92 10.30 4.35
CA ILE A 124 -5.02 11.22 3.24
C ILE A 124 -3.90 10.97 2.22
N GLY A 125 -2.69 10.78 2.73
CA GLY A 125 -1.54 10.52 1.88
C GLY A 125 -1.73 9.27 1.04
N SER A 126 -2.01 8.16 1.70
CA SER A 126 -2.22 6.89 1.00
C SER A 126 -3.36 7.00 0.00
N ALA A 127 -4.44 7.68 0.39
CA ALA A 127 -5.58 7.91 -0.49
C ALA A 127 -5.18 8.66 -1.75
N ARG A 128 -4.39 9.72 -1.58
CA ARG A 128 -3.89 10.50 -2.71
C ARG A 128 -3.04 9.66 -3.67
N GLY A 129 -2.26 8.75 -3.11
CA GLY A 129 -1.43 7.86 -3.92
C GLY A 129 -2.27 7.00 -4.85
N LEU A 130 -3.31 6.37 -4.31
CA LEU A 130 -4.19 5.53 -5.12
C LEU A 130 -5.00 6.36 -6.12
N ALA A 131 -5.40 7.55 -5.70
CA ALA A 131 -6.14 8.45 -6.57
C ALA A 131 -5.34 8.77 -7.81
N PHE A 132 -4.05 9.05 -7.60
CA PHE A 132 -3.13 9.31 -8.69
C PHE A 132 -3.08 8.11 -9.63
N LEU A 133 -2.99 6.91 -9.06
CA LEU A 133 -2.97 5.68 -9.84
C LEU A 133 -4.25 5.49 -10.65
N HIS A 134 -5.40 5.80 -10.06
CA HIS A 134 -6.70 5.53 -10.69
C HIS A 134 -7.14 6.58 -11.70
N HIS A 135 -6.78 7.84 -11.48
CA HIS A 135 -7.37 8.91 -12.25
C HIS A 135 -6.36 9.71 -13.05
N ASN A 136 -5.18 9.93 -12.48
CA ASN A 136 -4.18 10.74 -13.13
C ASN A 136 -3.34 9.93 -14.13
N CYS A 137 -3.25 8.63 -13.92
CA CYS A 137 -2.50 7.77 -14.83
C CYS A 137 -3.36 7.20 -15.95
N SER A 138 -2.88 7.36 -17.19
CA SER A 138 -3.50 6.73 -18.34
C SER A 138 -2.43 5.97 -19.13
N PRO A 139 -2.52 4.62 -19.15
CA PRO A 139 -3.53 3.76 -18.55
C PRO A 139 -3.60 3.82 -17.03
N HIS A 140 -4.78 3.56 -16.48
CA HIS A 140 -4.98 3.49 -15.04
C HIS A 140 -4.16 2.35 -14.46
N ILE A 141 -3.78 2.49 -13.19
CA ILE A 141 -3.05 1.43 -12.52
C ILE A 141 -3.87 0.87 -11.37
N ILE A 142 -4.12 -0.44 -11.42
CA ILE A 142 -4.73 -1.14 -10.30
C ILE A 142 -3.61 -1.79 -9.49
N HIS A 143 -3.54 -1.45 -8.22
CA HIS A 143 -2.46 -1.94 -7.35
C HIS A 143 -2.64 -3.43 -7.03
N ARG A 144 -3.87 -3.81 -6.70
CA ARG A 144 -4.28 -5.20 -6.43
C ARG A 144 -3.73 -5.81 -5.14
N ASP A 145 -3.01 -5.02 -4.34
CA ASP A 145 -2.48 -5.55 -3.08
C ASP A 145 -2.27 -4.44 -2.06
N MET A 146 -3.21 -3.51 -2.03
CA MET A 146 -3.22 -2.46 -1.02
C MET A 146 -3.41 -3.07 0.37
N LYS A 147 -2.54 -2.71 1.30
CA LYS A 147 -2.62 -3.18 2.68
C LYS A 147 -1.65 -2.40 3.56
N SER A 148 -1.77 -2.56 4.88
CA SER A 148 -0.96 -1.78 5.81
C SER A 148 0.54 -2.07 5.67
N SER A 149 0.89 -3.28 5.27
CA SER A 149 2.30 -3.63 5.12
C SER A 149 2.88 -3.01 3.84
N ASN A 150 2.01 -2.56 2.95
CA ASN A 150 2.45 -1.90 1.73
C ASN A 150 2.22 -0.40 1.79
N VAL A 151 2.08 0.10 3.01
CA VAL A 151 2.12 1.54 3.24
C VAL A 151 3.37 1.84 4.04
N LEU A 152 4.33 2.50 3.42
CA LEU A 152 5.59 2.82 4.09
C LEU A 152 5.56 4.26 4.59
N LEU A 153 6.44 4.55 5.55
CA LEU A 153 6.47 5.87 6.18
C LEU A 153 7.88 6.45 6.17
N ASP A 154 8.07 7.59 5.51
CA ASP A 154 9.38 8.22 5.44
C ASP A 154 9.75 8.93 6.75
N GLU A 155 10.77 9.80 6.69
CA GLU A 155 11.24 10.51 7.86
C GLU A 155 10.18 11.46 8.42
N ASN A 156 9.28 11.91 7.55
CA ASN A 156 8.22 12.82 7.96
C ASN A 156 6.93 12.10 8.31
N LEU A 157 7.02 10.77 8.37
CA LEU A 157 5.86 9.91 8.65
C LEU A 157 4.72 10.15 7.66
N GLU A 158 5.06 10.47 6.43
CA GLU A 158 4.04 10.58 5.39
C GLU A 158 3.96 9.27 4.63
N ALA A 159 2.73 8.85 4.34
CA ALA A 159 2.48 7.56 3.72
C ALA A 159 2.98 7.50 2.29
N ARG A 160 3.62 6.40 1.93
CA ARG A 160 4.04 6.19 0.55
C ARG A 160 3.70 4.74 0.17
N VAL A 161 2.80 4.60 -0.79
CA VAL A 161 2.31 3.27 -1.20
C VAL A 161 3.41 2.49 -1.92
N SER A 162 3.53 1.20 -1.58
CA SER A 162 4.60 0.37 -2.10
C SER A 162 4.10 -0.96 -2.68
N ASP A 163 5.04 -1.73 -3.22
CA ASP A 163 4.84 -3.09 -3.74
C ASP A 163 3.83 -3.16 -4.89
N PHE A 164 4.29 -2.81 -6.07
CA PHE A 164 3.49 -2.91 -7.28
C PHE A 164 3.75 -4.22 -8.02
N GLY A 165 4.20 -5.23 -7.28
CA GLY A 165 4.50 -6.53 -7.86
C GLY A 165 3.33 -7.24 -8.53
N MET A 166 2.10 -6.94 -8.07
CA MET A 166 0.91 -7.54 -8.68
CA MET A 166 0.90 -7.54 -8.65
C MET A 166 0.08 -6.51 -9.42
N ALA A 167 0.59 -5.30 -9.54
CA ALA A 167 -0.15 -4.22 -10.20
C ALA A 167 -0.34 -4.50 -11.69
N ARG A 168 -1.43 -3.96 -12.24
CA ARG A 168 -1.75 -4.15 -13.65
C ARG A 168 -2.23 -2.84 -14.27
N LEU A 169 -2.10 -2.74 -15.58
CA LEU A 169 -2.55 -1.57 -16.31
C LEU A 169 -3.95 -1.78 -16.88
N MET A 170 -4.77 -0.75 -16.83
CA MET A 170 -6.11 -0.79 -17.41
C MET A 170 -6.39 0.49 -18.20
N SER A 171 -6.96 0.34 -19.39
CA SER A 171 -7.36 1.48 -20.19
C SER A 171 -8.48 2.25 -19.50
N ALA A 172 -8.53 3.55 -19.74
CA ALA A 172 -9.58 4.39 -19.16
C ALA A 172 -10.92 4.12 -19.83
N MET A 173 -10.88 3.37 -20.93
CA MET A 173 -12.09 3.01 -21.66
C MET A 173 -12.69 1.70 -21.12
N ASP A 174 -12.14 1.22 -20.01
CA ASP A 174 -12.63 -0.01 -19.38
C ASP A 174 -13.01 0.22 -17.92
N TPO A 175 -14.05 -0.48 -17.47
CA TPO A 175 -14.47 -0.39 -16.08
CB TPO A 175 -15.98 -0.59 -15.95
CG2 TPO A 175 -16.66 0.78 -15.86
OG1 TPO A 175 -16.49 -1.29 -17.07
P TPO A 175 -17.33 -2.54 -16.48
O1P TPO A 175 -17.56 -3.63 -17.65
O2P TPO A 175 -18.74 -2.02 -15.95
O3P TPO A 175 -16.58 -3.15 -15.36
C TPO A 175 -13.72 -1.41 -15.23
O TPO A 175 -13.49 -1.20 -14.04
N HIS A 176 -13.33 -2.51 -15.86
CA HIS A 176 -12.59 -3.56 -15.16
C HIS A 176 -11.52 -4.18 -16.02
N LEU A 177 -10.69 -5.01 -15.40
CA LEU A 177 -9.64 -5.73 -16.12
C LEU A 177 -9.70 -7.21 -15.75
N SEP A 178 -9.78 -8.08 -16.75
CA SEP A 178 -9.86 -9.51 -16.53
CB SEP A 178 -10.69 -10.18 -17.63
OG SEP A 178 -11.95 -9.55 -17.74
C SEP A 178 -8.48 -10.14 -16.44
O SEP A 178 -7.66 -10.01 -17.35
P SEP A 178 -12.84 -10.22 -18.88
O1P SEP A 178 -11.95 -10.42 -20.21
O2P SEP A 178 -14.10 -9.27 -19.21
O3P SEP A 178 -13.37 -11.66 -18.36
N VAL A 179 -8.21 -10.83 -15.33
CA VAL A 179 -6.88 -11.38 -15.07
C VAL A 179 -6.81 -12.90 -15.19
N SEP A 180 -5.66 -13.46 -14.83
CA SEP A 180 -5.40 -14.89 -14.95
CB SEP A 180 -4.01 -15.14 -15.53
OG SEP A 180 -3.00 -14.83 -14.59
C SEP A 180 -5.54 -15.60 -13.61
O SEP A 180 -5.92 -16.77 -13.55
P SEP A 180 -2.36 -13.38 -14.88
O1P SEP A 180 -2.48 -13.04 -16.45
O2P SEP A 180 -3.17 -12.26 -14.02
O3P SEP A 180 -0.82 -13.37 -14.44
N THR A 181 -5.22 -14.89 -12.53
CA THR A 181 -5.26 -15.49 -11.20
C THR A 181 -5.85 -14.54 -10.16
N LEU A 182 -6.25 -15.11 -9.02
CA LEU A 182 -6.73 -14.33 -7.90
C LEU A 182 -5.55 -13.79 -7.09
N ALA A 183 -5.42 -12.46 -7.04
CA ALA A 183 -4.32 -11.83 -6.32
C ALA A 183 -4.83 -10.98 -5.16
N GLY A 184 -4.06 -10.95 -4.08
CA GLY A 184 -4.40 -10.15 -2.91
C GLY A 184 -3.94 -10.80 -1.62
N THR A 185 -4.32 -10.19 -0.51
CA THR A 185 -3.98 -10.71 0.80
C THR A 185 -5.26 -10.95 1.60
N PRO A 186 -5.37 -12.11 2.27
CA PRO A 186 -6.55 -12.42 3.08
C PRO A 186 -6.82 -11.33 4.11
N GLY A 187 -8.08 -10.87 4.16
CA GLY A 187 -8.45 -9.76 5.02
C GLY A 187 -8.58 -8.47 4.24
N TYR A 188 -8.13 -8.50 2.98
CA TYR A 188 -8.14 -7.32 2.13
C TYR A 188 -8.84 -7.56 0.81
N VAL A 189 -9.03 -8.83 0.47
CA VAL A 189 -9.60 -9.17 -0.83
C VAL A 189 -11.04 -8.71 -0.94
N PRO A 190 -11.35 -7.96 -2.01
CA PRO A 190 -12.73 -7.58 -2.34
C PRO A 190 -13.57 -8.83 -2.58
N PRO A 191 -14.77 -8.88 -2.01
CA PRO A 191 -15.62 -10.08 -2.10
C PRO A 191 -15.88 -10.50 -3.54
N GLU A 192 -15.95 -9.55 -4.45
CA GLU A 192 -16.25 -9.86 -5.84
C GLU A 192 -15.03 -10.45 -6.57
N TYR A 193 -13.85 -10.30 -5.97
CA TYR A 193 -12.63 -10.89 -6.52
C TYR A 193 -12.64 -12.41 -6.38
N TYR A 194 -13.47 -12.92 -5.48
CA TYR A 194 -13.61 -14.36 -5.31
C TYR A 194 -14.56 -14.96 -6.33
N GLN A 195 -15.38 -14.11 -6.94
CA GLN A 195 -16.46 -14.59 -7.80
C GLN A 195 -16.07 -14.63 -9.28
N SEP A 196 -15.05 -13.85 -9.65
CA SEP A 196 -14.58 -13.83 -11.03
CB SEP A 196 -15.50 -12.99 -11.92
OG SEP A 196 -14.84 -12.60 -13.11
C SEP A 196 -13.14 -13.30 -11.12
O SEP A 196 -12.69 -12.55 -10.25
P SEP A 196 -15.19 -13.59 -14.34
O1P SEP A 196 -15.99 -12.78 -15.47
O2P SEP A 196 -16.11 -14.80 -13.82
O3P SEP A 196 -13.83 -14.17 -14.96
N PHE A 197 -12.45 -13.70 -12.18
CA PHE A 197 -11.07 -13.28 -12.40
C PHE A 197 -11.01 -11.87 -12.96
N ARG A 198 -11.61 -10.93 -12.24
CA ARG A 198 -11.64 -9.55 -12.68
C ARG A 198 -11.22 -8.64 -11.54
N CYS A 199 -10.39 -7.64 -11.86
CA CYS A 199 -9.97 -6.65 -10.89
C CYS A 199 -10.35 -5.26 -11.38
N SER A 200 -10.33 -4.28 -10.48
CA SER A 200 -10.73 -2.93 -10.82
C SER A 200 -10.23 -1.91 -9.80
N THR A 201 -10.38 -0.63 -10.13
CA THR A 201 -10.01 0.43 -9.22
C THR A 201 -10.92 0.39 -7.98
N LYS A 202 -12.18 0.00 -8.17
CA LYS A 202 -13.09 -0.16 -7.04
C LYS A 202 -12.60 -1.27 -6.11
N GLY A 203 -11.91 -2.27 -6.66
CA GLY A 203 -11.28 -3.29 -5.85
C GLY A 203 -10.22 -2.72 -4.94
N ASP A 204 -9.41 -1.81 -5.49
CA ASP A 204 -8.40 -1.09 -4.71
C ASP A 204 -9.02 -0.26 -3.59
N VAL A 205 -10.16 0.35 -3.87
CA VAL A 205 -10.83 1.19 -2.90
C VAL A 205 -11.27 0.38 -1.69
N TYR A 206 -11.80 -0.80 -1.94
CA TYR A 206 -12.17 -1.72 -0.88
C TYR A 206 -10.98 -2.00 0.02
N SER A 207 -9.87 -2.43 -0.59
CA SER A 207 -8.65 -2.72 0.16
C SER A 207 -8.18 -1.51 0.95
N TYR A 208 -8.25 -0.33 0.34
CA TYR A 208 -7.96 0.91 1.05
C TYR A 208 -8.80 1.05 2.30
N GLY A 209 -10.09 0.73 2.19
CA GLY A 209 -11.01 0.81 3.30
C GLY A 209 -10.51 0.06 4.53
N VAL A 210 -10.03 -1.16 4.30
CA VAL A 210 -9.49 -1.99 5.38
C VAL A 210 -8.35 -1.29 6.10
N VAL A 211 -7.45 -0.69 5.34
CA VAL A 211 -6.33 0.05 5.91
C VAL A 211 -6.83 1.21 6.75
N LEU A 212 -7.83 1.93 6.22
CA LEU A 212 -8.46 3.01 6.96
C LEU A 212 -9.10 2.51 8.26
N LEU A 213 -9.56 1.26 8.26
CA LEU A 213 -10.10 0.66 9.48
C LEU A 213 -8.97 0.36 10.46
N GLU A 214 -7.83 -0.08 9.94
CA GLU A 214 -6.69 -0.37 10.79
C GLU A 214 -6.24 0.90 11.51
N LEU A 215 -6.29 2.02 10.79
CA LEU A 215 -5.91 3.30 11.38
C LEU A 215 -6.93 3.74 12.43
N LEU A 216 -8.20 3.44 12.19
CA LEU A 216 -9.27 3.83 13.10
C LEU A 216 -9.40 2.87 14.28
N THR A 217 -9.39 1.58 14.00
CA THR A 217 -9.59 0.56 15.03
C THR A 217 -8.31 0.22 15.78
N GLY A 218 -7.20 0.18 15.05
CA GLY A 218 -5.92 -0.22 15.63
C GLY A 218 -5.75 -1.73 15.61
N LYS A 219 -6.73 -2.41 14.99
CA LYS A 219 -6.73 -3.88 14.93
C LYS A 219 -6.24 -4.40 13.58
N ARG A 220 -5.75 -5.64 13.59
CA ARG A 220 -5.40 -6.33 12.35
C ARG A 220 -6.68 -6.75 11.63
N PRO A 221 -6.64 -6.80 10.29
CA PRO A 221 -7.81 -7.18 9.48
C PRO A 221 -8.29 -8.60 9.76
N THR A 222 -7.40 -9.43 10.29
CA THR A 222 -7.73 -10.83 10.55
C THR A 222 -7.82 -11.12 12.04
N ASN A 231 -13.64 -11.71 10.24
CA ASN A 231 -12.68 -10.66 9.90
C ASN A 231 -13.05 -9.33 10.53
N LEU A 232 -12.12 -8.39 10.48
CA LEU A 232 -12.33 -7.04 11.04
C LEU A 232 -13.53 -6.36 10.41
N VAL A 233 -13.56 -6.34 9.08
CA VAL A 233 -14.62 -5.70 8.32
C VAL A 233 -16.00 -6.25 8.70
N GLY A 234 -16.05 -7.55 8.99
CA GLY A 234 -17.29 -8.23 9.31
C GLY A 234 -18.01 -7.68 10.53
N TRP A 235 -17.43 -7.88 11.71
CA TRP A 235 -18.11 -7.50 12.94
C TRP A 235 -18.08 -6.00 13.18
N VAL A 236 -17.28 -5.27 12.39
CA VAL A 236 -17.36 -3.82 12.39
C VAL A 236 -18.69 -3.41 11.76
N LYS A 237 -19.03 -4.09 10.67
CA LYS A 237 -20.31 -3.86 10.01
C LYS A 237 -21.47 -4.33 10.88
N GLN A 238 -21.17 -5.24 11.80
CA GLN A 238 -22.18 -5.77 12.73
C GLN A 238 -22.28 -4.90 13.98
N HIS A 239 -21.15 -4.36 14.42
CA HIS A 239 -21.14 -3.42 15.54
C HIS A 239 -21.63 -2.05 15.07
N ALA A 240 -21.65 -1.86 13.75
CA ALA A 240 -22.24 -0.67 13.16
C ALA A 240 -23.74 -0.70 13.34
N LYS A 241 -24.28 -1.91 13.48
CA LYS A 241 -25.69 -2.09 13.76
C LYS A 241 -25.98 -1.81 15.24
N LEU A 242 -24.94 -1.92 16.07
CA LEU A 242 -25.05 -1.64 17.49
C LEU A 242 -24.54 -0.26 17.85
N ARG A 243 -23.50 -0.19 18.68
CA ARG A 243 -22.90 1.08 19.06
C ARG A 243 -21.54 1.27 18.40
N ILE A 244 -21.41 2.32 17.61
CA ILE A 244 -20.18 2.60 16.87
C ILE A 244 -19.05 3.07 17.80
N SER A 245 -19.43 3.69 18.92
CA SER A 245 -18.45 4.13 19.91
C SER A 245 -17.94 2.94 20.72
N ASP A 246 -17.32 1.99 20.04
CA ASP A 246 -16.81 0.79 20.69
C ASP A 246 -15.71 0.15 19.87
N VAL A 247 -15.57 0.61 18.62
CA VAL A 247 -14.64 0.00 17.67
C VAL A 247 -13.35 0.79 17.52
N PHE A 248 -13.39 2.08 17.84
CA PHE A 248 -12.24 2.95 17.65
C PHE A 248 -11.05 2.56 18.53
N ASP A 249 -9.85 2.94 18.10
CA ASP A 249 -8.62 2.66 18.84
C ASP A 249 -8.66 3.37 20.19
N PRO A 250 -8.51 2.59 21.28
CA PRO A 250 -8.50 3.11 22.65
C PRO A 250 -7.50 4.24 22.85
N GLU A 251 -6.35 4.17 22.18
CA GLU A 251 -5.32 5.18 22.34
C GLU A 251 -5.68 6.49 21.65
N LEU A 252 -6.66 6.45 20.75
CA LEU A 252 -7.11 7.65 20.06
C LEU A 252 -8.04 8.48 20.94
N MET A 253 -8.90 7.80 21.69
CA MET A 253 -9.84 8.46 22.58
C MET A 253 -9.15 9.06 23.80
N LYS A 254 -7.97 8.54 24.13
CA LYS A 254 -7.20 9.04 25.26
C LYS A 254 -6.67 10.44 24.97
N GLU A 255 -6.33 10.70 23.71
CA GLU A 255 -5.83 12.00 23.29
C GLU A 255 -6.88 13.08 23.51
N ASP A 256 -8.07 12.84 22.99
CA ASP A 256 -9.19 13.77 23.12
C ASP A 256 -10.48 13.09 22.70
N PRO A 257 -11.47 13.02 23.61
CA PRO A 257 -12.76 12.45 23.25
C PRO A 257 -13.63 13.40 22.41
N ALA A 258 -13.09 14.56 22.08
CA ALA A 258 -13.82 15.54 21.28
C ALA A 258 -13.76 15.23 19.79
N LEU A 259 -12.66 14.60 19.36
CA LEU A 259 -12.48 14.30 17.94
C LEU A 259 -13.22 13.05 17.49
N GLU A 260 -14.10 12.53 18.34
CA GLU A 260 -14.86 11.32 18.00
C GLU A 260 -15.86 11.61 16.89
N ILE A 261 -16.20 12.89 16.70
CA ILE A 261 -17.16 13.27 15.67
C ILE A 261 -16.57 13.13 14.28
N GLU A 262 -15.30 13.49 14.12
CA GLU A 262 -14.65 13.34 12.82
C GLU A 262 -14.22 11.89 12.62
N LEU A 263 -13.98 11.18 13.71
CA LEU A 263 -13.65 9.76 13.64
C LEU A 263 -14.80 8.98 13.03
N LEU A 264 -16.02 9.26 13.50
CA LEU A 264 -17.22 8.63 12.96
C LEU A 264 -17.38 8.94 11.48
N GLN A 265 -17.15 10.20 11.13
CA GLN A 265 -17.22 10.62 9.72
C GLN A 265 -16.12 9.96 8.91
N HIS A 266 -14.94 9.80 9.51
CA HIS A 266 -13.86 9.05 8.88
C HIS A 266 -14.22 7.58 8.79
N LEU A 267 -14.95 7.10 9.81
CA LEU A 267 -15.45 5.74 9.79
C LEU A 267 -16.51 5.58 8.71
N LYS A 268 -17.25 6.65 8.45
CA LYS A 268 -18.26 6.65 7.40
C LYS A 268 -17.60 6.53 6.04
N VAL A 269 -16.37 7.05 5.92
CA VAL A 269 -15.61 6.91 4.70
C VAL A 269 -15.17 5.47 4.53
N ALA A 270 -14.64 4.88 5.60
CA ALA A 270 -14.16 3.52 5.59
C ALA A 270 -15.27 2.52 5.23
N VAL A 271 -16.47 2.71 5.79
CA VAL A 271 -17.54 1.75 5.54
C VAL A 271 -18.08 1.84 4.11
N ALA A 272 -18.06 3.03 3.53
CA ALA A 272 -18.47 3.19 2.13
C ALA A 272 -17.51 2.47 1.19
N CYS A 273 -16.22 2.58 1.47
CA CYS A 273 -15.20 1.87 0.69
C CYS A 273 -15.38 0.37 0.78
N LEU A 274 -15.95 -0.10 1.89
CA LEU A 274 -16.03 -1.53 2.19
C LEU A 274 -17.38 -2.14 1.81
N ASP A 275 -18.17 -1.43 1.02
CA ASP A 275 -19.44 -1.95 0.55
C ASP A 275 -19.23 -3.17 -0.34
N ASP A 276 -20.05 -4.20 -0.16
CA ASP A 276 -19.94 -5.42 -0.95
C ASP A 276 -20.19 -5.16 -2.43
N ARG A 277 -20.99 -4.14 -2.72
CA ARG A 277 -21.29 -3.75 -4.09
C ARG A 277 -20.25 -2.76 -4.60
N ALA A 278 -19.54 -3.14 -5.65
CA ALA A 278 -18.44 -2.32 -6.18
C ALA A 278 -18.94 -1.00 -6.75
N TRP A 279 -20.17 -1.00 -7.26
CA TRP A 279 -20.73 0.19 -7.89
C TRP A 279 -21.03 1.26 -6.84
N ARG A 280 -21.29 0.82 -5.62
CA ARG A 280 -21.70 1.69 -4.52
C ARG A 280 -20.50 2.32 -3.84
N ARG A 281 -19.32 1.75 -4.06
CA ARG A 281 -18.09 2.28 -3.48
C ARG A 281 -17.70 3.63 -4.08
N PRO A 282 -17.17 4.53 -3.25
CA PRO A 282 -16.64 5.80 -3.76
C PRO A 282 -15.35 5.60 -4.53
N THR A 283 -15.05 6.52 -5.44
CA THR A 283 -13.74 6.54 -6.09
C THR A 283 -12.79 7.26 -5.14
N MET A 284 -11.48 7.01 -5.30
CA MET A 284 -10.50 7.59 -4.39
C MET A 284 -10.51 9.12 -4.45
N VAL A 285 -10.90 9.67 -5.60
CA VAL A 285 -11.12 11.11 -5.72
C VAL A 285 -12.27 11.58 -4.82
N GLN A 286 -13.36 10.81 -4.77
CA GLN A 286 -14.46 11.11 -3.87
C GLN A 286 -14.03 10.95 -2.42
N VAL A 287 -13.16 9.97 -2.17
CA VAL A 287 -12.60 9.78 -0.85
C VAL A 287 -11.80 11.02 -0.43
N MET A 288 -10.92 11.49 -1.30
CA MET A 288 -10.13 12.69 -1.05
C MET A 288 -11.04 13.89 -0.78
N ALA A 289 -12.06 14.04 -1.61
CA ALA A 289 -13.02 15.13 -1.45
C ALA A 289 -13.73 15.04 -0.11
N MET A 290 -14.08 13.82 0.29
CA MET A 290 -14.73 13.58 1.57
C MET A 290 -13.81 13.91 2.75
N PHE A 291 -12.52 13.64 2.59
CA PHE A 291 -11.55 13.95 3.63
C PHE A 291 -11.40 15.46 3.81
N LYS A 292 -11.46 16.17 2.71
CA LYS A 292 -11.32 17.63 2.71
C LYS A 292 -12.54 18.29 3.35
N GLU A 293 -13.72 17.74 3.12
CA GLU A 293 -14.96 18.32 3.65
C GLU A 293 -15.06 18.26 5.17
N ILE A 294 -14.29 17.37 5.80
CA ILE A 294 -14.43 17.13 7.23
C ILE A 294 -13.76 18.21 8.09
N GLN A 295 -12.53 18.59 7.75
CA GLN A 295 -11.79 19.56 8.56
C GLN A 295 -12.02 21.00 8.11
N ALA A 296 -12.21 21.21 6.80
CA ALA A 296 -12.45 22.54 6.28
C ALA A 296 -13.32 22.49 5.02
#